data_2PHK
#
_entry.id   2PHK
#
_cell.length_a   65.300
_cell.length_b   65.300
_cell.length_c   145.800
_cell.angle_alpha   90.00
_cell.angle_beta   90.00
_cell.angle_gamma   120.00
#
_symmetry.space_group_name_H-M   'P 32 2 1'
#
loop_
_entity.id
_entity.type
_entity.pdbx_description
1 polymer 'PHOSPHORYLASE KINASE'
2 polymer MC-PEPTIDE
3 non-polymer 'MANGANESE (II) ION'
4 non-polymer "ADENOSINE-5'-TRIPHOSPHATE"
5 non-polymer GLYCEROL
6 water water
#
loop_
_entity_poly.entity_id
_entity_poly.type
_entity_poly.pdbx_seq_one_letter_code
_entity_poly.pdbx_strand_id
1 'polypeptide(L)'
;GFYENYEPKEILGRGVSSVVRRCIHKPTCKEYAVKIIDVTGGGSFSAEEVQELREATLKEVDILRKVSGHPNIIQLKDTY
ETNTFFFLVFDLMKKGELFDYLTEKVTLSEKETRKIMRALLEVICALHKLNIVHRDLKPENILLDDDMNIKLTDFGFSCQ
LDPGEKLREVCGTPSYLAPEIIECSMNDNHPGYGKEVDMWSTGVIMYTLLAGSPPFWHRKQMLMLRMIMSGNYQFGSPEW
DDYSDTVKDLVSRFLVVQPQKRYTAEEALAHPFFQQY
;
A
2 'polypeptide(L)' RQMSFRL B
#
loop_
_chem_comp.id
_chem_comp.type
_chem_comp.name
_chem_comp.formula
ATP non-polymer ADENOSINE-5'-TRIPHOSPHATE 'C10 H16 N5 O13 P3'
GOL non-polymer GLYCEROL 'C3 H8 O3'
MN non-polymer 'MANGANESE (II) ION' 'Mn 2'
#
# COMPACT_ATOMS: atom_id res chain seq x y z
N GLY A 1 -20.98 6.54 22.14
CA GLY A 1 -20.21 7.12 20.99
C GLY A 1 -20.24 6.21 19.75
N PHE A 2 -19.32 5.26 19.69
CA PHE A 2 -19.24 4.30 18.61
C PHE A 2 -20.04 3.03 18.91
N TYR A 3 -20.10 2.63 20.18
CA TYR A 3 -20.81 1.40 20.53
C TYR A 3 -22.31 1.64 20.68
N GLU A 4 -22.73 2.89 20.77
CA GLU A 4 -24.14 3.27 20.84
C GLU A 4 -24.75 3.43 19.45
N ASN A 5 -23.93 3.50 18.41
CA ASN A 5 -24.41 3.67 17.04
C ASN A 5 -24.22 2.41 16.18
N TYR A 6 -23.22 1.61 16.50
CA TYR A 6 -22.80 0.45 15.71
C TYR A 6 -22.71 -0.80 16.57
N GLU A 7 -22.85 -1.97 15.98
CA GLU A 7 -22.72 -3.27 16.63
C GLU A 7 -21.53 -4.02 16.05
N PRO A 8 -20.58 -4.44 16.87
CA PRO A 8 -19.36 -5.10 16.43
C PRO A 8 -19.51 -6.56 16.08
N LYS A 9 -18.87 -7.01 15.00
CA LYS A 9 -18.93 -8.40 14.56
C LYS A 9 -17.52 -9.01 14.55
N GLU A 10 -17.18 -9.83 13.55
CA GLU A 10 -15.93 -10.56 13.50
C GLU A 10 -14.70 -9.79 13.03
N ILE A 11 -13.52 -10.35 13.26
CA ILE A 11 -12.25 -9.78 12.84
C ILE A 11 -11.99 -10.05 11.36
N LEU A 12 -11.84 -9.01 10.54
CA LEU A 12 -11.57 -9.17 9.13
C LEU A 12 -10.08 -9.05 8.83
N GLY A 13 -9.37 -8.40 9.75
CA GLY A 13 -7.95 -8.13 9.59
C GLY A 13 -7.32 -7.56 10.85
N ARG A 14 -5.99 -7.57 10.87
CA ARG A 14 -5.22 -7.10 12.02
C ARG A 14 -3.92 -6.40 11.60
N GLY A 15 -3.57 -5.36 12.35
CA GLY A 15 -2.37 -4.59 12.07
C GLY A 15 -1.45 -4.56 13.28
N VAL A 16 -0.41 -3.73 13.22
CA VAL A 16 0.56 -3.60 14.30
C VAL A 16 -0.10 -2.92 15.50
N SER A 17 -0.82 -1.84 15.20
CA SER A 17 -1.56 -1.11 16.23
C SER A 17 -3.05 -1.03 15.95
N SER A 18 -3.61 -1.99 15.20
CA SER A 18 -5.03 -1.95 14.88
C SER A 18 -5.68 -3.30 14.60
N VAL A 19 -6.99 -3.35 14.82
CA VAL A 19 -7.83 -4.52 14.52
C VAL A 19 -8.98 -4.05 13.62
N VAL A 20 -9.22 -4.73 12.51
CA VAL A 20 -10.29 -4.37 11.58
C VAL A 20 -11.45 -5.36 11.72
N ARG A 21 -12.66 -4.89 12.05
CA ARG A 21 -13.81 -5.76 12.21
C ARG A 21 -15.03 -5.38 11.36
N ARG A 22 -15.91 -6.34 11.15
CA ARG A 22 -17.18 -6.12 10.44
C ARG A 22 -18.16 -5.57 11.48
N CYS A 23 -18.97 -4.58 11.13
CA CYS A 23 -19.92 -4.00 12.07
C CYS A 23 -21.23 -3.60 11.40
N ILE A 24 -22.33 -3.69 12.14
CA ILE A 24 -23.65 -3.30 11.66
C ILE A 24 -24.02 -1.91 12.15
N HIS A 25 -24.48 -0.99 11.31
CA HIS A 25 -24.94 0.33 11.77
C HIS A 25 -26.33 0.16 12.39
N LYS A 26 -26.50 0.49 13.67
CA LYS A 26 -27.76 0.30 14.36
C LYS A 26 -28.97 0.90 13.64
N PRO A 27 -28.95 2.18 13.33
CA PRO A 27 -30.07 2.86 12.67
C PRO A 27 -30.53 2.30 11.34
N THR A 28 -29.64 2.01 10.42
CA THR A 28 -29.98 1.61 9.06
C THR A 28 -29.90 0.12 8.78
N CYS A 29 -29.28 -0.62 9.69
CA CYS A 29 -29.02 -2.03 9.58
C CYS A 29 -28.08 -2.41 8.44
N LYS A 30 -27.18 -1.51 8.03
CA LYS A 30 -26.21 -1.76 6.97
C LYS A 30 -24.85 -2.17 7.56
N GLU A 31 -24.04 -2.88 6.79
CA GLU A 31 -22.75 -3.38 7.25
C GLU A 31 -21.57 -2.56 6.76
N TYR A 32 -20.63 -2.31 7.67
CA TYR A 32 -19.43 -1.55 7.43
C TYR A 32 -18.19 -2.23 8.01
N ALA A 33 -17.01 -1.70 7.73
CA ALA A 33 -15.75 -2.18 8.27
C ALA A 33 -15.14 -1.10 9.18
N VAL A 34 -14.76 -1.48 10.39
CA VAL A 34 -14.22 -0.53 11.36
C VAL A 34 -12.81 -0.85 11.83
N LYS A 35 -11.90 0.10 11.64
CA LYS A 35 -10.51 -0.04 12.07
C LYS A 35 -10.38 0.49 13.50
N ILE A 36 -10.07 -0.37 14.46
CA ILE A 36 -9.90 0.09 15.84
C ILE A 36 -8.42 0.31 16.12
N ILE A 37 -8.00 1.56 16.25
CA ILE A 37 -6.62 1.91 16.52
C ILE A 37 -6.38 2.25 17.98
N ASP A 38 -5.41 1.58 18.59
CA ASP A 38 -4.99 1.76 19.97
C ASP A 38 -3.80 2.71 20.07
N VAL A 39 -4.00 3.97 20.47
CA VAL A 39 -2.94 4.96 20.56
C VAL A 39 -2.08 4.82 21.81
N THR A 40 -2.61 4.12 22.80
CA THR A 40 -2.00 3.85 24.09
C THR A 40 -0.96 2.75 24.06
N GLY A 41 -0.83 2.05 22.94
CA GLY A 41 0.18 1.03 22.70
C GLY A 41 -0.16 -0.29 23.36
N GLY A 42 -1.26 -0.89 22.90
CA GLY A 42 -1.68 -2.16 23.53
C GLY A 42 -1.94 -1.75 24.99
N GLY A 43 -1.28 -2.35 25.96
CA GLY A 43 -1.46 -1.94 27.34
C GLY A 43 -0.97 -0.52 27.59
N SER A 44 0.34 -0.28 27.52
CA SER A 44 0.88 1.01 27.86
C SER A 44 2.16 1.52 27.19
N PHE A 45 2.07 2.73 26.65
CA PHE A 45 3.12 3.52 26.05
C PHE A 45 3.39 4.76 26.91
N SER A 46 4.32 5.60 26.50
CA SER A 46 4.65 6.83 27.21
C SER A 46 3.74 7.94 26.67
N ALA A 47 3.68 9.12 27.30
CA ALA A 47 2.85 10.20 26.79
C ALA A 47 3.35 10.69 25.43
N GLU A 48 4.67 10.80 25.28
CA GLU A 48 5.33 11.13 24.03
C GLU A 48 4.91 10.17 22.93
N GLU A 49 5.06 8.86 23.18
CA GLU A 49 4.69 7.81 22.25
C GLU A 49 3.23 7.87 21.82
N VAL A 50 2.34 8.09 22.77
CA VAL A 50 0.91 8.24 22.56
C VAL A 50 0.60 9.43 21.66
N GLN A 51 1.22 10.58 21.90
CA GLN A 51 1.02 11.76 21.06
C GLN A 51 1.55 11.54 19.64
N GLU A 52 2.63 10.81 19.46
CA GLU A 52 3.14 10.50 18.13
C GLU A 52 2.12 9.66 17.36
N LEU A 53 1.53 8.67 18.02
CA LEU A 53 0.54 7.80 17.40
C LEU A 53 -0.79 8.51 17.17
N ARG A 54 -1.21 9.41 18.05
CA ARG A 54 -2.41 10.21 17.89
C ARG A 54 -2.23 11.20 16.74
N GLU A 55 -1.02 11.69 16.52
CA GLU A 55 -0.78 12.61 15.41
C GLU A 55 -0.62 11.88 14.09
N ALA A 56 -0.16 10.64 14.11
CA ALA A 56 -0.07 9.84 12.89
C ALA A 56 -1.48 9.46 12.41
N THR A 57 -2.35 9.11 13.34
CA THR A 57 -3.73 8.76 13.04
C THR A 57 -4.51 9.92 12.46
N LEU A 58 -4.36 11.14 12.98
CA LEU A 58 -5.07 12.30 12.48
C LEU A 58 -4.62 12.66 11.07
N LYS A 59 -3.38 12.42 10.70
CA LYS A 59 -2.89 12.65 9.34
C LYS A 59 -3.48 11.62 8.40
N GLU A 60 -3.63 10.37 8.86
CA GLU A 60 -4.27 9.32 8.08
C GLU A 60 -5.69 9.77 7.70
N VAL A 61 -6.48 10.21 8.68
CA VAL A 61 -7.84 10.68 8.46
C VAL A 61 -7.87 11.85 7.51
N ASP A 62 -6.92 12.77 7.65
CA ASP A 62 -6.79 13.93 6.78
C ASP A 62 -6.64 13.57 5.30
N ILE A 63 -5.73 12.65 4.97
CA ILE A 63 -5.51 12.21 3.60
C ILE A 63 -6.75 11.52 3.04
N LEU A 64 -7.39 10.71 3.89
CA LEU A 64 -8.62 10.01 3.56
C LEU A 64 -9.73 10.97 3.16
N ARG A 65 -9.82 12.12 3.82
CA ARG A 65 -10.78 13.15 3.51
C ARG A 65 -10.41 13.89 2.22
N LYS A 66 -9.12 14.16 1.99
CA LYS A 66 -8.67 14.83 0.78
C LYS A 66 -8.91 13.98 -0.47
N VAL A 67 -8.62 12.69 -0.43
CA VAL A 67 -8.75 11.83 -1.60
C VAL A 67 -10.14 11.26 -1.78
N SER A 68 -11.05 11.56 -0.88
CA SER A 68 -12.43 11.09 -0.94
C SER A 68 -13.04 11.38 -2.30
N GLY A 69 -13.92 10.51 -2.79
CA GLY A 69 -14.56 10.72 -4.07
C GLY A 69 -14.02 9.91 -5.23
N HIS A 70 -12.73 9.56 -5.20
CA HIS A 70 -12.17 8.77 -6.30
C HIS A 70 -12.84 7.41 -6.30
N PRO A 71 -13.27 6.93 -7.47
CA PRO A 71 -13.94 5.65 -7.57
C PRO A 71 -13.11 4.43 -7.25
N ASN A 72 -11.79 4.46 -7.32
CA ASN A 72 -10.94 3.32 -7.00
C ASN A 72 -10.15 3.50 -5.70
N ILE A 73 -10.59 4.37 -4.81
CA ILE A 73 -10.02 4.54 -3.47
C ILE A 73 -11.10 4.25 -2.43
N ILE A 74 -10.77 3.66 -1.28
CA ILE A 74 -11.76 3.37 -0.25
C ILE A 74 -12.40 4.65 0.28
N GLN A 75 -13.63 4.59 0.77
CA GLN A 75 -14.34 5.74 1.31
C GLN A 75 -14.51 5.73 2.82
N LEU A 76 -14.00 6.77 3.49
CA LEU A 76 -14.13 6.88 4.95
C LEU A 76 -15.49 7.49 5.26
N LYS A 77 -16.31 6.82 6.06
CA LYS A 77 -17.66 7.31 6.32
C LYS A 77 -17.79 8.08 7.62
N ASP A 78 -17.08 7.70 8.67
CA ASP A 78 -17.28 8.27 10.00
C ASP A 78 -16.17 7.93 10.99
N THR A 79 -15.69 8.91 11.74
CA THR A 79 -14.59 8.74 12.70
C THR A 79 -15.02 9.05 14.12
N TYR A 80 -14.44 8.39 15.12
CA TYR A 80 -14.74 8.56 16.54
C TYR A 80 -13.42 8.51 17.32
N GLU A 81 -13.27 9.26 18.41
CA GLU A 81 -12.06 9.26 19.21
C GLU A 81 -12.28 9.20 20.71
N THR A 82 -11.46 8.46 21.45
CA THR A 82 -11.42 8.48 22.91
C THR A 82 -9.97 8.62 23.38
N ASN A 83 -9.73 8.55 24.68
CA ASN A 83 -8.39 8.70 25.23
C ASN A 83 -7.46 7.56 24.81
N THR A 84 -7.99 6.34 24.71
CA THR A 84 -7.16 5.21 24.29
C THR A 84 -7.40 4.75 22.87
N PHE A 85 -8.61 4.80 22.32
CA PHE A 85 -8.90 4.29 20.99
C PHE A 85 -9.28 5.31 19.93
N PHE A 86 -9.13 4.97 18.65
CA PHE A 86 -9.67 5.70 17.51
C PHE A 86 -10.53 4.73 16.66
N PHE A 87 -11.71 5.15 16.22
CA PHE A 87 -12.59 4.29 15.41
C PHE A 87 -12.79 4.85 14.01
N LEU A 88 -12.31 4.22 12.94
CA LEU A 88 -12.51 4.73 11.58
C LEU A 88 -13.43 3.81 10.77
N VAL A 89 -14.65 4.24 10.48
CA VAL A 89 -15.67 3.47 9.78
C VAL A 89 -15.60 3.56 8.26
N PHE A 90 -15.41 2.43 7.57
CA PHE A 90 -15.27 2.37 6.13
C PHE A 90 -16.31 1.51 5.41
N ASP A 91 -16.35 1.62 4.08
CA ASP A 91 -17.29 0.81 3.29
C ASP A 91 -16.79 -0.64 3.38
N LEU A 92 -17.67 -1.63 3.52
CA LEU A 92 -17.22 -3.02 3.63
C LEU A 92 -16.93 -3.65 2.27
N MET A 93 -15.75 -4.25 2.14
CA MET A 93 -15.39 -4.96 0.90
C MET A 93 -15.40 -6.48 1.14
N LYS A 94 -16.46 -7.13 0.69
CA LYS A 94 -16.75 -8.53 0.85
C LYS A 94 -15.81 -9.54 0.22
N LYS A 95 -15.17 -9.20 -0.89
CA LYS A 95 -14.25 -10.11 -1.56
C LYS A 95 -12.81 -9.95 -1.10
N GLY A 96 -12.58 -9.15 -0.06
CA GLY A 96 -11.31 -8.98 0.61
C GLY A 96 -10.21 -8.33 -0.18
N GLU A 97 -8.97 -8.79 0.01
CA GLU A 97 -7.81 -8.16 -0.62
C GLU A 97 -7.28 -8.90 -1.85
N LEU A 98 -6.38 -8.24 -2.57
CA LEU A 98 -5.73 -8.77 -3.76
C LEU A 98 -4.73 -9.86 -3.39
N PHE A 99 -4.24 -9.82 -2.16
CA PHE A 99 -3.42 -10.87 -1.59
C PHE A 99 -4.17 -12.17 -1.43
N ASP A 100 -5.41 -12.13 -0.96
CA ASP A 100 -6.21 -13.34 -0.80
C ASP A 100 -6.54 -13.92 -2.18
N TYR A 101 -6.89 -13.03 -3.11
CA TYR A 101 -7.19 -13.41 -4.48
C TYR A 101 -6.00 -14.13 -5.12
N LEU A 102 -4.81 -13.55 -5.01
CA LEU A 102 -3.59 -14.12 -5.57
C LEU A 102 -3.32 -15.50 -5.01
N THR A 103 -3.53 -15.68 -3.72
CA THR A 103 -3.34 -16.97 -3.06
C THR A 103 -4.19 -18.09 -3.63
N GLU A 104 -5.43 -17.82 -4.03
CA GLU A 104 -6.34 -18.80 -4.59
C GLU A 104 -6.02 -19.11 -6.04
N LYS A 105 -5.59 -18.11 -6.81
CA LYS A 105 -5.27 -18.34 -8.22
C LYS A 105 -3.80 -18.59 -8.46
N VAL A 106 -2.93 -18.49 -7.48
CA VAL A 106 -1.49 -18.68 -7.56
C VAL A 106 -0.82 -17.62 -8.42
N THR A 107 -1.10 -17.51 -9.71
CA THR A 107 -0.57 -16.52 -10.61
C THR A 107 -1.74 -15.93 -11.41
N LEU A 108 -1.60 -14.75 -12.00
CA LEU A 108 -2.64 -14.12 -12.80
C LEU A 108 -2.16 -14.04 -14.25
N SER A 109 -3.06 -13.88 -15.21
CA SER A 109 -2.66 -13.83 -16.62
C SER A 109 -2.17 -12.45 -17.02
N GLU A 110 -1.56 -12.32 -18.20
CA GLU A 110 -1.11 -11.03 -18.69
C GLU A 110 -2.28 -10.07 -18.88
N LYS A 111 -3.40 -10.56 -19.39
CA LYS A 111 -4.61 -9.79 -19.60
C LYS A 111 -5.25 -9.34 -18.28
N GLU A 112 -5.29 -10.19 -17.27
CA GLU A 112 -5.88 -9.85 -15.97
C GLU A 112 -4.98 -8.89 -15.20
N THR A 113 -3.68 -8.99 -15.45
CA THR A 113 -2.67 -8.12 -14.87
C THR A 113 -2.74 -6.74 -15.49
N ARG A 114 -3.07 -6.66 -16.79
CA ARG A 114 -3.20 -5.37 -17.46
C ARG A 114 -4.40 -4.61 -16.89
N LYS A 115 -5.47 -5.33 -16.57
CA LYS A 115 -6.65 -4.75 -15.98
C LYS A 115 -6.34 -4.04 -14.66
N ILE A 116 -5.75 -4.77 -13.73
CA ILE A 116 -5.45 -4.29 -12.39
C ILE A 116 -4.41 -3.19 -12.36
N MET A 117 -3.36 -3.30 -13.18
CA MET A 117 -2.29 -2.32 -13.22
C MET A 117 -2.73 -1.02 -13.87
N ARG A 118 -3.60 -1.06 -14.88
CA ARG A 118 -4.15 0.15 -15.48
C ARG A 118 -4.98 0.91 -14.44
N ALA A 119 -5.71 0.20 -13.59
CA ALA A 119 -6.49 0.88 -12.55
C ALA A 119 -5.60 1.46 -11.47
N LEU A 120 -4.63 0.66 -11.01
CA LEU A 120 -3.72 1.05 -9.95
C LEU A 120 -2.85 2.25 -10.33
N LEU A 121 -2.40 2.29 -11.59
CA LEU A 121 -1.57 3.40 -12.06
C LEU A 121 -2.38 4.68 -12.14
N GLU A 122 -3.63 4.58 -12.59
CA GLU A 122 -4.54 5.72 -12.59
C GLU A 122 -4.67 6.33 -11.20
N VAL A 123 -4.81 5.56 -10.14
CA VAL A 123 -4.92 6.05 -8.78
C VAL A 123 -3.62 6.72 -8.34
N ILE A 124 -2.50 6.07 -8.68
CA ILE A 124 -1.19 6.60 -8.31
C ILE A 124 -0.96 7.95 -8.99
N CYS A 125 -1.33 8.04 -10.26
CA CYS A 125 -1.22 9.28 -11.03
C CYS A 125 -2.02 10.38 -10.34
N ALA A 126 -3.25 10.10 -9.95
CA ALA A 126 -4.09 11.05 -9.23
C ALA A 126 -3.42 11.55 -7.94
N LEU A 127 -3.00 10.64 -7.05
CA LEU A 127 -2.35 10.98 -5.81
C LEU A 127 -1.10 11.85 -5.99
N HIS A 128 -0.24 11.49 -6.95
CA HIS A 128 0.99 12.22 -7.21
C HIS A 128 0.77 13.60 -7.81
N LYS A 129 -0.41 13.89 -8.35
CA LYS A 129 -0.75 15.21 -8.87
C LYS A 129 -1.01 16.14 -7.67
N LEU A 130 -1.49 15.59 -6.58
CA LEU A 130 -1.76 16.30 -5.34
C LEU A 130 -0.56 16.37 -4.40
N ASN A 131 0.56 15.77 -4.80
CA ASN A 131 1.79 15.68 -4.04
C ASN A 131 1.70 14.69 -2.87
N ILE A 132 0.81 13.69 -2.97
CA ILE A 132 0.66 12.71 -1.90
C ILE A 132 1.38 11.40 -2.24
N VAL A 133 2.19 10.91 -1.31
CA VAL A 133 2.82 9.61 -1.39
C VAL A 133 2.07 8.60 -0.51
N HIS A 134 1.74 7.42 -1.03
CA HIS A 134 1.04 6.40 -0.23
C HIS A 134 2.02 5.74 0.74
N ARG A 135 3.18 5.26 0.30
CA ARG A 135 4.26 4.77 1.13
C ARG A 135 4.06 3.40 1.75
N ASP A 136 3.11 2.60 1.24
CA ASP A 136 2.86 1.26 1.74
C ASP A 136 2.04 0.44 0.73
N LEU A 137 2.38 0.59 -0.55
CA LEU A 137 1.68 -0.11 -1.63
C LEU A 137 1.99 -1.60 -1.60
N LYS A 138 0.97 -2.44 -1.62
CA LYS A 138 1.10 -3.88 -1.51
C LYS A 138 -0.26 -4.55 -1.66
N PRO A 139 -0.27 -5.84 -2.03
CA PRO A 139 -1.49 -6.59 -2.28
C PRO A 139 -2.50 -6.65 -1.15
N GLU A 140 -2.04 -6.67 0.11
CA GLU A 140 -2.86 -6.63 1.29
C GLU A 140 -3.58 -5.31 1.54
N ASN A 141 -3.17 -4.23 0.89
CA ASN A 141 -3.76 -2.92 1.01
C ASN A 141 -4.55 -2.49 -0.22
N ILE A 142 -4.80 -3.41 -1.15
CA ILE A 142 -5.63 -3.16 -2.32
C ILE A 142 -6.90 -4.03 -2.24
N LEU A 143 -8.07 -3.48 -1.94
CA LEU A 143 -9.27 -4.32 -1.83
C LEU A 143 -10.11 -4.43 -3.10
N LEU A 144 -10.93 -5.46 -3.21
CA LEU A 144 -11.80 -5.69 -4.37
C LEU A 144 -13.28 -5.67 -4.03
N ASP A 145 -14.11 -5.04 -4.86
CA ASP A 145 -15.56 -5.04 -4.61
C ASP A 145 -16.25 -6.19 -5.31
N ASP A 146 -17.59 -6.19 -5.36
CA ASP A 146 -18.36 -7.27 -5.96
C ASP A 146 -18.18 -7.40 -7.46
N ASP A 147 -17.83 -6.32 -8.15
CA ASP A 147 -17.60 -6.31 -9.58
C ASP A 147 -16.12 -6.55 -9.92
N MET A 148 -15.32 -6.81 -8.91
CA MET A 148 -13.89 -7.06 -8.96
C MET A 148 -13.07 -5.83 -9.31
N ASN A 149 -13.57 -4.64 -8.97
CA ASN A 149 -12.83 -3.41 -9.21
C ASN A 149 -11.91 -3.14 -8.02
N ILE A 150 -10.69 -2.67 -8.24
CA ILE A 150 -9.78 -2.41 -7.14
C ILE A 150 -10.14 -1.15 -6.36
N LYS A 151 -9.95 -1.20 -5.04
CA LYS A 151 -10.16 -0.09 -4.12
C LYS A 151 -8.97 0.10 -3.19
N LEU A 152 -8.14 1.11 -3.38
CA LEU A 152 -6.96 1.36 -2.55
C LEU A 152 -7.30 1.79 -1.13
N THR A 153 -6.62 1.22 -0.13
CA THR A 153 -6.84 1.54 1.27
C THR A 153 -5.54 1.70 2.05
N ASP A 154 -5.60 1.68 3.36
CA ASP A 154 -4.52 1.81 4.32
C ASP A 154 -3.61 3.00 4.02
N PHE A 155 -4.00 4.20 4.44
CA PHE A 155 -3.20 5.41 4.21
C PHE A 155 -2.50 5.82 5.51
N GLY A 156 -2.10 4.83 6.29
CA GLY A 156 -1.46 4.97 7.58
C GLY A 156 -0.08 5.59 7.56
N PHE A 157 0.68 5.39 6.49
CA PHE A 157 2.03 5.94 6.37
C PHE A 157 2.08 7.03 5.30
N SER A 158 0.95 7.59 4.89
CA SER A 158 0.87 8.54 3.78
C SER A 158 1.24 9.97 4.11
N CYS A 159 1.66 10.73 3.09
CA CYS A 159 2.07 12.12 3.29
C CYS A 159 1.74 13.03 2.12
N GLN A 160 1.23 14.22 2.35
CA GLN A 160 1.13 15.26 1.31
C GLN A 160 2.38 16.14 1.48
N LEU A 161 3.29 16.13 0.52
CA LEU A 161 4.53 16.89 0.60
C LEU A 161 4.39 18.38 0.29
N ASP A 162 5.17 19.19 1.00
CA ASP A 162 5.24 20.63 0.76
C ASP A 162 6.20 20.87 -0.41
N PRO A 163 6.17 22.04 -1.00
CA PRO A 163 7.13 22.38 -2.05
C PRO A 163 8.51 22.14 -1.46
N GLY A 164 9.37 21.34 -2.07
CA GLY A 164 10.70 21.14 -1.54
C GLY A 164 10.91 20.09 -0.47
N GLU A 165 9.90 19.62 0.25
CA GLU A 165 10.04 18.64 1.32
C GLU A 165 10.46 17.26 0.86
N LYS A 166 11.25 16.57 1.67
CA LYS A 166 11.73 15.22 1.45
C LYS A 166 11.58 14.39 2.73
N LEU A 167 11.26 13.11 2.63
CA LEU A 167 11.09 12.25 3.81
C LEU A 167 12.37 11.51 4.19
N ARG A 168 12.57 11.23 5.48
CA ARG A 168 13.81 10.66 5.98
C ARG A 168 13.67 9.40 6.80
N GLU A 169 12.46 9.01 7.17
CA GLU A 169 12.14 7.84 7.97
C GLU A 169 12.20 6.51 7.24
N VAL A 170 12.48 5.42 7.94
CA VAL A 170 12.45 4.08 7.35
C VAL A 170 11.17 3.36 7.79
N CYS A 171 10.22 3.23 6.88
CA CYS A 171 8.96 2.56 7.17
C CYS A 171 8.38 1.91 5.91
N GLY A 172 7.52 0.91 6.09
CA GLY A 172 6.90 0.21 4.98
C GLY A 172 6.79 -1.28 5.33
N THR A 173 6.76 -2.15 4.33
CA THR A 173 6.73 -3.60 4.48
C THR A 173 7.99 -4.12 3.78
N PRO A 174 8.76 -4.96 4.45
CA PRO A 174 10.12 -5.28 4.05
C PRO A 174 10.38 -5.60 2.60
N SER A 175 9.64 -6.52 2.00
CA SER A 175 9.84 -6.92 0.61
C SER A 175 9.35 -5.99 -0.49
N TYR A 176 8.71 -4.88 -0.16
CA TYR A 176 8.25 -3.84 -1.07
C TYR A 176 9.02 -2.53 -0.93
N LEU A 177 9.94 -2.43 0.03
CA LEU A 177 10.74 -1.26 0.31
C LEU A 177 11.65 -0.79 -0.84
N ALA A 178 11.59 0.48 -1.22
CA ALA A 178 12.52 0.97 -2.24
C ALA A 178 13.93 1.02 -1.67
N PRO A 179 14.94 1.04 -2.53
CA PRO A 179 16.32 1.10 -2.10
C PRO A 179 16.75 2.42 -1.50
N GLU A 180 16.07 3.53 -1.77
CA GLU A 180 16.41 4.83 -1.22
C GLU A 180 16.02 4.94 0.26
N ILE A 181 15.03 4.17 0.69
CA ILE A 181 14.63 4.21 2.09
C ILE A 181 15.64 3.37 2.88
N ILE A 182 16.07 2.25 2.30
CA ILE A 182 17.13 1.44 2.91
C ILE A 182 18.47 2.17 2.91
N GLU A 183 18.74 2.98 1.89
CA GLU A 183 19.96 3.76 1.80
C GLU A 183 19.97 4.82 2.91
N CYS A 184 18.80 5.38 3.18
CA CYS A 184 18.58 6.37 4.22
C CYS A 184 19.00 5.90 5.60
N SER A 185 18.79 4.63 5.91
CA SER A 185 19.12 4.03 7.19
C SER A 185 20.60 3.69 7.38
N MET A 186 21.41 3.67 6.33
CA MET A 186 22.82 3.33 6.50
C MET A 186 23.71 4.57 6.42
N ASN A 187 23.16 5.70 5.99
CA ASN A 187 23.94 6.93 5.86
C ASN A 187 23.10 8.11 6.30
N ASP A 188 23.50 8.77 7.40
CA ASP A 188 22.75 9.88 7.98
C ASP A 188 22.99 11.20 7.25
N ASN A 189 23.83 11.17 6.23
CA ASN A 189 24.11 12.30 5.36
C ASN A 189 23.46 12.13 3.99
N HIS A 190 22.33 11.44 3.93
CA HIS A 190 21.61 11.24 2.67
C HIS A 190 20.55 12.33 2.54
N PRO A 191 20.24 12.72 1.30
CA PRO A 191 19.33 13.81 1.00
C PRO A 191 17.87 13.57 1.33
N GLY A 192 17.41 12.32 1.39
CA GLY A 192 16.03 11.99 1.70
C GLY A 192 15.43 11.17 0.57
N TYR A 193 14.11 11.10 0.50
CA TYR A 193 13.41 10.38 -0.56
C TYR A 193 12.07 11.06 -0.83
N GLY A 194 11.41 10.73 -1.92
CA GLY A 194 10.14 11.37 -2.29
C GLY A 194 9.10 10.44 -2.85
N LYS A 195 8.30 10.87 -3.82
CA LYS A 195 7.23 10.09 -4.42
C LYS A 195 7.64 8.85 -5.18
N GLU A 196 8.89 8.77 -5.64
CA GLU A 196 9.43 7.67 -6.41
C GLU A 196 9.40 6.31 -5.72
N VAL A 197 9.34 6.23 -4.40
CA VAL A 197 9.28 4.96 -3.69
C VAL A 197 8.02 4.15 -4.01
N ASP A 198 6.93 4.87 -4.33
CA ASP A 198 5.67 4.25 -4.72
C ASP A 198 5.78 3.49 -6.05
N MET A 199 6.63 3.93 -6.97
CA MET A 199 6.78 3.27 -8.26
C MET A 199 7.55 1.96 -8.16
N TRP A 200 8.55 1.91 -7.29
CA TRP A 200 9.30 0.68 -7.04
C TRP A 200 8.34 -0.39 -6.52
N SER A 201 7.57 -0.04 -5.49
CA SER A 201 6.60 -0.90 -4.86
C SER A 201 5.56 -1.40 -5.86
N THR A 202 5.14 -0.52 -6.77
CA THR A 202 4.22 -0.84 -7.85
C THR A 202 4.86 -1.95 -8.70
N GLY A 203 6.14 -1.83 -9.01
CA GLY A 203 6.89 -2.82 -9.74
C GLY A 203 6.95 -4.17 -9.02
N VAL A 204 7.16 -4.15 -7.71
CA VAL A 204 7.18 -5.39 -6.93
C VAL A 204 5.80 -6.02 -7.01
N ILE A 205 4.73 -5.22 -6.86
CA ILE A 205 3.37 -5.74 -6.99
C ILE A 205 3.19 -6.43 -8.35
N MET A 206 3.42 -5.72 -9.46
CA MET A 206 3.26 -6.28 -10.80
C MET A 206 4.00 -7.58 -11.06
N TYR A 207 5.26 -7.71 -10.67
CA TYR A 207 6.03 -8.95 -10.80
C TYR A 207 5.43 -10.10 -9.98
N THR A 208 4.94 -9.80 -8.78
CA THR A 208 4.34 -10.78 -7.89
C THR A 208 3.01 -11.32 -8.42
N LEU A 209 2.26 -10.54 -9.18
CA LEU A 209 1.01 -10.98 -9.74
C LEU A 209 1.27 -12.03 -10.82
N LEU A 210 2.15 -11.69 -11.74
CA LEU A 210 2.56 -12.49 -12.88
C LEU A 210 3.35 -13.74 -12.56
N ALA A 211 4.32 -13.68 -11.65
CA ALA A 211 5.17 -14.84 -11.39
C ALA A 211 4.68 -15.72 -10.25
N GLY A 212 3.87 -15.18 -9.35
CA GLY A 212 3.40 -15.93 -8.19
C GLY A 212 4.20 -15.59 -6.93
N SER A 213 5.36 -14.98 -7.08
CA SER A 213 6.21 -14.61 -5.95
C SER A 213 6.94 -13.30 -6.19
N PRO A 214 7.39 -12.64 -5.12
CA PRO A 214 8.10 -11.38 -5.16
C PRO A 214 9.48 -11.47 -5.77
N PRO A 215 9.92 -10.43 -6.48
CA PRO A 215 11.20 -10.42 -7.15
C PRO A 215 12.40 -10.62 -6.26
N PHE A 216 12.40 -10.09 -5.05
CA PHE A 216 13.55 -10.17 -4.14
C PHE A 216 13.25 -11.01 -2.91
N TRP A 217 12.71 -12.20 -3.08
CA TRP A 217 12.33 -13.15 -2.04
C TRP A 217 13.45 -14.08 -1.59
N HIS A 218 13.99 -13.94 -0.39
CA HIS A 218 15.08 -14.76 0.14
C HIS A 218 14.92 -15.07 1.63
N ARG A 219 15.41 -16.21 2.09
CA ARG A 219 15.23 -16.70 3.45
C ARG A 219 15.87 -15.80 4.51
N LYS A 220 17.12 -15.41 4.24
CA LYS A 220 17.84 -14.52 5.15
C LYS A 220 17.61 -13.06 4.78
N GLN A 221 17.14 -12.26 5.73
CA GLN A 221 16.78 -10.87 5.50
C GLN A 221 17.96 -10.00 5.09
N MET A 222 19.13 -10.24 5.64
CA MET A 222 20.34 -9.50 5.30
C MET A 222 20.64 -9.55 3.81
N LEU A 223 20.54 -10.74 3.22
CA LEU A 223 20.80 -10.89 1.79
C LEU A 223 19.65 -10.36 0.95
N MET A 224 18.42 -10.44 1.45
CA MET A 224 17.27 -9.87 0.74
C MET A 224 17.47 -8.37 0.53
N LEU A 225 17.93 -7.70 1.58
CA LEU A 225 18.19 -6.27 1.58
C LEU A 225 19.35 -5.89 0.67
N ARG A 226 20.39 -6.72 0.62
CA ARG A 226 21.52 -6.53 -0.29
C ARG A 226 21.09 -6.72 -1.74
N MET A 227 20.17 -7.65 -1.96
CA MET A 227 19.64 -7.96 -3.28
C MET A 227 18.77 -6.82 -3.80
N ILE A 228 17.96 -6.22 -2.94
CA ILE A 228 17.10 -5.10 -3.33
C ILE A 228 17.96 -3.87 -3.54
N MET A 229 18.99 -3.66 -2.71
CA MET A 229 19.89 -2.54 -2.82
C MET A 229 20.67 -2.54 -4.13
N SER A 230 21.06 -3.72 -4.63
CA SER A 230 21.81 -3.84 -5.86
C SER A 230 20.90 -4.03 -7.07
N GLY A 231 19.63 -4.32 -6.81
CA GLY A 231 18.66 -4.58 -7.86
C GLY A 231 18.85 -5.95 -8.50
N ASN A 232 19.36 -6.91 -7.74
CA ASN A 232 19.59 -8.25 -8.25
C ASN A 232 18.30 -9.08 -8.20
N TYR A 233 17.74 -9.29 -9.38
CA TYR A 233 16.52 -10.05 -9.60
C TYR A 233 16.56 -10.62 -11.02
N GLN A 234 15.63 -11.50 -11.40
CA GLN A 234 15.65 -12.06 -12.75
C GLN A 234 14.29 -12.60 -13.16
N PHE A 235 14.06 -12.78 -14.46
CA PHE A 235 12.84 -13.37 -14.99
C PHE A 235 13.17 -14.82 -15.38
N GLY A 236 13.34 -15.71 -14.41
CA GLY A 236 13.89 -17.01 -14.57
C GLY A 236 13.18 -18.19 -15.17
N SER A 237 13.80 -19.35 -15.00
CA SER A 237 13.43 -20.70 -15.37
C SER A 237 12.24 -20.80 -16.28
N PRO A 238 11.18 -21.55 -16.00
CA PRO A 238 10.03 -21.66 -16.88
C PRO A 238 8.95 -20.63 -16.61
N GLU A 239 8.89 -20.09 -15.40
CA GLU A 239 7.87 -19.15 -14.97
C GLU A 239 7.49 -18.06 -15.95
N TRP A 240 8.41 -17.18 -16.34
CA TRP A 240 8.09 -16.08 -17.24
C TRP A 240 8.05 -16.41 -18.73
N ASP A 241 8.20 -17.66 -19.14
CA ASP A 241 8.23 -18.09 -20.52
C ASP A 241 6.99 -17.73 -21.33
N ASP A 242 5.79 -17.82 -20.75
CA ASP A 242 4.55 -17.58 -21.48
C ASP A 242 4.29 -16.12 -21.80
N TYR A 243 4.91 -15.21 -21.07
CA TYR A 243 4.71 -13.79 -21.14
C TYR A 243 5.49 -13.04 -22.21
N SER A 244 4.88 -12.01 -22.79
CA SER A 244 5.47 -11.19 -23.84
C SER A 244 6.68 -10.39 -23.36
N ASP A 245 7.36 -9.72 -24.28
CA ASP A 245 8.55 -8.94 -23.94
C ASP A 245 8.20 -7.52 -23.51
N THR A 246 6.96 -7.12 -23.81
CA THR A 246 6.44 -5.81 -23.46
C THR A 246 6.12 -5.71 -21.98
N VAL A 247 5.56 -6.74 -21.35
CA VAL A 247 5.26 -6.73 -19.93
C VAL A 247 6.57 -6.66 -19.13
N LYS A 248 7.53 -7.47 -19.60
CA LYS A 248 8.83 -7.58 -18.96
C LYS A 248 9.60 -6.26 -19.05
N ASP A 249 9.39 -5.52 -20.13
CA ASP A 249 10.04 -4.22 -20.32
C ASP A 249 9.44 -3.24 -19.31
N LEU A 250 8.12 -3.27 -19.15
CA LEU A 250 7.46 -2.41 -18.20
C LEU A 250 7.88 -2.74 -16.77
N VAL A 251 7.88 -4.01 -16.36
CA VAL A 251 8.34 -4.34 -15.01
C VAL A 251 9.77 -3.86 -14.78
N SER A 252 10.70 -4.05 -15.71
CA SER A 252 12.07 -3.61 -15.52
C SER A 252 12.27 -2.10 -15.46
N ARG A 253 11.34 -1.29 -15.94
CA ARG A 253 11.43 0.16 -15.81
C ARG A 253 10.99 0.60 -14.40
N PHE A 254 10.29 -0.27 -13.67
CA PHE A 254 9.89 0.05 -12.31
C PHE A 254 11.03 -0.35 -11.36
N LEU A 255 11.68 -1.48 -11.66
CA LEU A 255 12.73 -2.03 -10.83
C LEU A 255 14.12 -1.49 -11.15
N VAL A 256 14.26 -0.17 -11.10
CA VAL A 256 15.45 0.61 -11.37
C VAL A 256 15.95 1.22 -10.06
N VAL A 257 17.22 1.05 -9.72
CA VAL A 257 17.72 1.47 -8.42
C VAL A 257 17.81 2.97 -8.25
N GLN A 258 18.26 3.69 -9.26
CA GLN A 258 18.39 5.14 -9.23
C GLN A 258 17.03 5.79 -9.45
N PRO A 259 16.51 6.49 -8.44
CA PRO A 259 15.18 7.04 -8.46
C PRO A 259 14.92 8.06 -9.55
N GLN A 260 15.94 8.80 -10.00
CA GLN A 260 15.79 9.79 -11.05
C GLN A 260 15.61 9.18 -12.43
N LYS A 261 15.99 7.92 -12.60
CA LYS A 261 15.84 7.17 -13.84
C LYS A 261 14.62 6.25 -13.81
N ARG A 262 13.96 6.12 -12.67
CA ARG A 262 12.80 5.24 -12.53
C ARG A 262 11.57 5.80 -13.24
N TYR A 263 10.70 4.92 -13.75
CA TYR A 263 9.48 5.36 -14.45
C TYR A 263 8.54 6.08 -13.49
N THR A 264 7.72 6.97 -14.02
CA THR A 264 6.66 7.61 -13.22
C THR A 264 5.33 6.96 -13.60
N ALA A 265 4.24 7.31 -12.93
CA ALA A 265 2.93 6.76 -13.25
C ALA A 265 2.49 7.24 -14.64
N GLU A 266 2.67 8.51 -14.94
CA GLU A 266 2.33 9.07 -16.24
C GLU A 266 3.07 8.33 -17.35
N GLU A 267 4.38 8.15 -17.22
CA GLU A 267 5.18 7.40 -18.19
C GLU A 267 4.76 5.94 -18.34
N ALA A 268 4.41 5.28 -17.24
CA ALA A 268 3.99 3.90 -17.26
C ALA A 268 2.68 3.70 -18.02
N LEU A 269 1.75 4.64 -17.90
CA LEU A 269 0.47 4.58 -18.61
C LEU A 269 0.63 4.88 -20.10
N ALA A 270 1.76 5.43 -20.53
CA ALA A 270 2.03 5.68 -21.94
C ALA A 270 2.75 4.53 -22.63
N HIS A 271 3.30 3.56 -21.90
CA HIS A 271 4.00 2.41 -22.44
C HIS A 271 3.17 1.55 -23.37
N PRO A 272 3.80 0.90 -24.35
CA PRO A 272 3.15 -0.03 -25.26
C PRO A 272 2.30 -1.11 -24.64
N PHE A 273 2.54 -1.54 -23.42
CA PHE A 273 1.77 -2.55 -22.72
C PHE A 273 0.31 -2.14 -22.55
N PHE A 274 0.07 -0.86 -22.28
CA PHE A 274 -1.28 -0.33 -22.13
C PHE A 274 -1.74 0.29 -23.44
N GLN A 275 -0.87 0.38 -24.42
CA GLN A 275 -1.04 0.79 -25.79
C GLN A 275 -0.13 1.95 -26.20
N GLN A 276 0.19 2.05 -27.50
CA GLN A 276 1.04 3.11 -28.01
C GLN A 276 0.73 3.56 -29.43
N TYR A 277 -0.02 2.90 -30.30
CA TYR A 277 -0.29 3.36 -31.66
C TYR A 277 -1.05 2.29 -32.46
N ARG B 1 2.51 -14.04 6.11
CA ARG B 1 2.11 -12.63 5.80
C ARG B 1 3.15 -11.62 6.29
N GLN B 2 3.02 -10.38 5.81
CA GLN B 2 3.96 -9.32 6.16
C GLN B 2 3.24 -8.08 6.67
N MET B 3 3.69 -7.54 7.80
CA MET B 3 3.14 -6.33 8.39
C MET B 3 4.03 -5.13 8.11
N SER B 4 3.55 -3.94 8.45
CA SER B 4 4.33 -2.72 8.25
C SER B 4 5.15 -2.42 9.51
N PHE B 5 6.19 -1.61 9.38
CA PHE B 5 7.03 -1.28 10.53
C PHE B 5 7.57 0.15 10.46
N ARG B 6 8.09 0.61 11.58
CA ARG B 6 8.70 1.92 11.76
C ARG B 6 10.03 1.70 12.50
N LEU B 7 11.12 2.20 11.93
CA LEU B 7 12.41 2.12 12.60
C LEU B 7 12.60 3.27 13.60
MN MN C . -1.01 0.45 7.72
MN MN D . -2.35 -2.70 5.82
PG ATP E . -0.63 -2.83 8.05
O1G ATP E . 0.16 -3.86 8.78
O2G ATP E . -0.52 -3.06 6.60
O3G ATP E . -0.05 -1.49 8.37
PB ATP E . -3.03 -1.79 9.32
O1B ATP E . -2.92 -1.88 10.77
O2B ATP E . -2.77 -0.41 8.85
O3B ATP E . -2.15 -2.87 8.52
PA ATP E . -5.24 -2.01 7.41
O1A ATP E . -5.85 -0.67 7.27
O2A ATP E . -4.40 -2.30 6.23
O3A ATP E . -4.49 -2.22 8.80
O5' ATP E . -6.40 -3.12 7.53
C5' ATP E . -6.03 -4.47 7.86
C4' ATP E . -6.73 -5.51 7.02
O4' ATP E . -8.14 -5.52 7.25
C3' ATP E . -6.51 -5.45 5.52
O3' ATP E . -5.30 -6.16 5.15
C2' ATP E . -7.83 -6.02 4.97
O2' ATP E . -7.73 -7.45 4.76
C1' ATP E . -8.85 -5.72 6.07
N9 ATP E . -9.77 -4.63 5.81
C8 ATP E . -9.47 -3.32 5.91
N7 ATP E . -10.33 -2.47 5.49
C5 ATP E . -11.31 -3.23 5.07
C6 ATP E . -12.48 -2.83 4.50
N6 ATP E . -12.84 -1.56 4.30
N1 ATP E . -13.32 -3.82 4.14
C2 ATP E . -12.95 -5.13 4.37
N3 ATP E . -11.84 -5.60 4.88
C4 ATP E . -11.03 -4.58 5.23
C1 GOL F . 13.33 9.24 -18.05
O1 GOL F . 13.59 7.88 -18.37
C2 GOL F . 12.27 9.35 -16.94
O2 GOL F . 12.44 8.39 -15.89
C3 GOL F . 12.26 10.77 -16.37
O3 GOL F . 11.04 11.10 -15.69
#